data_7EMA
#
_entry.id   7EMA
#
_cell.length_a   41.391
_cell.length_b   107.350
_cell.length_c   46.105
_cell.angle_alpha   90.000
_cell.angle_beta   101.715
_cell.angle_gamma   90.000
#
_symmetry.space_group_name_H-M   'P 1 21 1'
#
loop_
_entity.id
_entity.type
_entity.pdbx_description
1 polymer 'Leucocyte antigen'
2 polymer Beta-2-microglobulin
3 polymer TYR-SER-SER-ASP-VAL-THR-THR-LEU-VAL
4 water water
#
loop_
_entity_poly.entity_id
_entity_poly.type
_entity_poly.pdbx_seq_one_letter_code
_entity_poly.pdbx_strand_id
1 'polypeptide(L)'
;GPHSLSYFYTAVSRPDRGDSRFIAVGYVDDTQFVRFDSDAPNPRMEPRAPWIQQEGQDYWDRETRKQRDTSQTYRVGLKN
LRGYYNQSEAGSHTYQSMYGCYLGPDGLLLRGYRQYAYDGADYIALNEDLRSWTAADTAAQITKRKWETANVAERRRSYL
QGLCVESLREYLEMGKDTLQRAEPPKTHVTRHPSSDLGVTLRCWALGFYPKEISLTWQREGQDQSQDMELVETRPSGDGT
FQKWAALVVPPGEEQSYTCHVQHEGLQEPLTLRWD
;
A
2 'polypeptide(L)'
;EFVARPPKVQVYSRHPAENGKPNYLNCYVSGFHPPQIEIDLLKNGEKMNAEQSDLSFSKDWSFYLLVHTEFTPNAVDQYS
CRVKHVTLDKPKIVKWDRDH
;
B
3 'polypeptide(L)' YSSDVTTLV C
#
# COMPACT_ATOMS: atom_id res chain seq x y z
N GLY A 1 1.57 19.10 2.84
CA GLY A 1 1.98 17.74 3.14
C GLY A 1 2.09 17.42 4.62
N PRO A 2 0.96 17.27 5.29
CA PRO A 2 0.99 16.89 6.71
C PRO A 2 1.43 15.46 6.90
N HIS A 3 2.27 15.23 7.91
CA HIS A 3 2.75 13.89 8.22
C HIS A 3 1.64 13.07 8.87
N SER A 4 1.79 11.75 8.81
CA SER A 4 0.77 10.88 9.37
C SER A 4 1.43 9.64 9.95
N LEU A 5 0.74 9.05 10.93
CA LEU A 5 1.05 7.74 11.45
C LEU A 5 -0.19 6.88 11.25
N SER A 6 -0.04 5.71 10.65
CA SER A 6 -1.22 4.91 10.38
C SER A 6 -0.91 3.43 10.55
N TYR A 7 -1.94 2.68 10.94
CA TYR A 7 -1.81 1.25 11.16
C TYR A 7 -2.87 0.56 10.31
N PHE A 8 -2.50 -0.59 9.76
CA PHE A 8 -3.36 -1.34 8.84
C PHE A 8 -3.43 -2.76 9.34
N TYR A 9 -4.63 -3.21 9.71
CA TYR A 9 -4.87 -4.54 10.26
C TYR A 9 -5.70 -5.39 9.30
N THR A 10 -5.28 -6.65 9.12
CA THR A 10 -6.00 -7.59 8.26
C THR A 10 -6.14 -8.90 9.00
N ALA A 11 -7.37 -9.40 9.10
CA ALA A 11 -7.61 -10.71 9.68
C ALA A 11 -8.41 -11.55 8.70
N VAL A 12 -7.97 -12.78 8.47
CA VAL A 12 -8.57 -13.67 7.49
C VAL A 12 -8.86 -14.99 8.17
N SER A 13 -10.08 -15.49 8.03
CA SER A 13 -10.39 -16.80 8.57
C SER A 13 -9.91 -17.88 7.60
N ARG A 14 -9.56 -19.04 8.15
CA ARG A 14 -9.00 -20.14 7.37
C ARG A 14 -9.74 -21.42 7.76
N PRO A 15 -10.89 -21.68 7.13
CA PRO A 15 -11.69 -22.86 7.54
C PRO A 15 -10.99 -24.18 7.34
N ASP A 16 -10.13 -24.30 6.32
CA ASP A 16 -9.38 -25.54 6.14
C ASP A 16 -8.51 -25.85 7.34
N ARG A 17 -7.94 -24.83 7.97
CA ARG A 17 -7.09 -24.98 9.15
C ARG A 17 -7.81 -24.79 10.47
N GLY A 18 -9.08 -24.37 10.43
CA GLY A 18 -9.80 -24.09 11.66
C GLY A 18 -9.20 -22.97 12.49
N ASP A 19 -8.55 -21.99 11.87
CA ASP A 19 -8.00 -20.87 12.62
C ASP A 19 -8.17 -19.61 11.79
N SER A 20 -7.39 -18.58 12.13
CA SER A 20 -7.36 -17.34 11.37
C SER A 20 -5.96 -16.78 11.46
N ARG A 21 -5.68 -15.82 10.57
CA ARG A 21 -4.39 -15.14 10.56
C ARG A 21 -4.61 -13.64 10.69
N PHE A 22 -3.79 -12.99 11.52
CA PHE A 22 -3.86 -11.55 11.73
C PHE A 22 -2.53 -10.92 11.35
N ILE A 23 -2.56 -9.90 10.49
CA ILE A 23 -1.37 -9.20 10.06
C ILE A 23 -1.57 -7.70 10.32
N ALA A 24 -0.57 -7.06 10.92
CA ALA A 24 -0.61 -5.63 11.19
C ALA A 24 0.65 -4.97 10.64
N VAL A 25 0.50 -3.82 9.99
CA VAL A 25 1.65 -3.04 9.57
C VAL A 25 1.44 -1.60 10.00
N GLY A 26 2.53 -0.93 10.34
CA GLY A 26 2.49 0.49 10.69
C GLY A 26 3.33 1.28 9.71
N TYR A 27 2.86 2.49 9.40
CA TYR A 27 3.53 3.42 8.50
C TYR A 27 3.68 4.78 9.16
N VAL A 28 4.79 5.44 8.89
CA VAL A 28 4.90 6.90 9.02
C VAL A 28 4.98 7.44 7.61
N ASP A 29 4.05 8.34 7.25
CA ASP A 29 3.94 8.79 5.87
C ASP A 29 3.87 7.57 4.97
N ASP A 30 4.77 7.48 3.99
CA ASP A 30 4.81 6.34 3.07
C ASP A 30 5.91 5.32 3.42
N THR A 31 6.38 5.29 4.67
CA THR A 31 7.48 4.42 5.06
C THR A 31 6.98 3.40 6.08
N GLN A 32 7.03 2.11 5.73
CA GLN A 32 6.64 1.10 6.70
C GLN A 32 7.70 1.01 7.79
N PHE A 33 7.27 0.90 9.05
CA PHE A 33 8.24 0.81 10.12
C PHE A 33 8.02 -0.32 11.14
N VAL A 34 6.85 -0.98 11.19
CA VAL A 34 6.68 -2.15 12.04
C VAL A 34 5.76 -3.15 11.36
N ARG A 35 5.83 -4.41 11.82
CA ARG A 35 4.88 -5.43 11.38
C ARG A 35 4.63 -6.39 12.53
N PHE A 36 3.48 -7.06 12.46
CA PHE A 36 3.13 -8.16 13.35
C PHE A 36 2.37 -9.21 12.53
N ASP A 37 2.68 -10.48 12.76
CA ASP A 37 2.07 -11.57 11.98
C ASP A 37 1.78 -12.70 12.96
N SER A 38 0.49 -12.96 13.21
CA SER A 38 0.12 -13.99 14.18
C SER A 38 0.62 -15.38 13.80
N ASP A 39 0.96 -15.61 12.53
CA ASP A 39 1.45 -16.91 12.11
C ASP A 39 2.92 -17.16 12.47
N ALA A 40 3.68 -16.10 12.77
CA ALA A 40 5.06 -16.30 13.18
C ALA A 40 5.11 -17.07 14.49
N PRO A 41 6.09 -17.95 14.69
CA PRO A 41 6.23 -18.60 16.00
C PRO A 41 6.61 -17.57 17.06
N ASN A 42 5.89 -17.61 18.20
CA ASN A 42 6.09 -16.64 19.28
C ASN A 42 6.03 -15.24 18.68
N PRO A 43 4.87 -14.82 18.18
CA PRO A 43 4.85 -13.63 17.33
C PRO A 43 5.02 -12.34 18.12
N ARG A 44 5.84 -11.44 17.58
CA ARG A 44 6.21 -10.19 18.22
C ARG A 44 6.03 -9.05 17.22
N MET A 45 5.79 -7.84 17.73
CA MET A 45 5.93 -6.68 16.86
C MET A 45 7.41 -6.56 16.48
N GLU A 46 7.67 -6.39 15.18
CA GLU A 46 9.02 -6.44 14.61
C GLU A 46 9.36 -5.15 13.88
N PRO A 47 10.61 -4.69 13.96
CA PRO A 47 11.01 -3.45 13.27
C PRO A 47 11.12 -3.69 11.78
N ARG A 48 10.71 -2.70 11.00
CA ARG A 48 10.84 -2.77 9.55
C ARG A 48 11.50 -1.54 8.95
N ALA A 49 11.96 -0.60 9.78
CA ALA A 49 12.78 0.52 9.31
C ALA A 49 13.94 0.69 10.28
N PRO A 50 15.08 1.21 9.82
CA PRO A 50 16.26 1.28 10.70
C PRO A 50 16.09 2.19 11.90
N TRP A 51 15.39 3.31 11.74
CA TRP A 51 15.30 4.29 12.81
C TRP A 51 14.42 3.85 13.97
N ILE A 52 13.56 2.83 13.80
CA ILE A 52 12.76 2.38 14.94
C ILE A 52 13.52 1.42 15.83
N GLN A 53 14.68 0.93 15.38
CA GLN A 53 15.39 -0.09 16.15
C GLN A 53 15.95 0.47 17.46
N GLN A 54 16.04 1.79 17.59
CA GLN A 54 16.51 2.36 18.85
C GLN A 54 15.50 2.28 19.98
N GLU A 55 14.24 1.89 19.72
CA GLU A 55 13.29 1.69 20.80
C GLU A 55 13.72 0.50 21.67
N GLY A 56 13.62 0.68 22.98
CA GLY A 56 14.05 -0.33 23.92
C GLY A 56 13.03 -1.44 24.09
N GLN A 57 13.41 -2.45 24.87
CA GLN A 57 12.58 -3.63 25.04
C GLN A 57 11.22 -3.28 25.65
N ASP A 58 11.12 -2.22 26.45
CA ASP A 58 9.82 -1.82 26.98
C ASP A 58 8.85 -1.51 25.84
N TYR A 59 9.34 -0.88 24.78
CA TYR A 59 8.50 -0.56 23.63
C TYR A 59 8.06 -1.83 22.91
N TRP A 60 9.02 -2.69 22.54
CA TRP A 60 8.69 -3.89 21.79
C TRP A 60 7.81 -4.83 22.60
N ASP A 61 8.03 -4.90 23.92
CA ASP A 61 7.16 -5.72 24.75
C ASP A 61 5.74 -5.19 24.74
N ARG A 62 5.57 -3.88 24.94
CA ARG A 62 4.23 -3.32 25.05
C ARG A 62 3.51 -3.35 23.70
N GLU A 63 4.22 -3.05 22.60
CA GLU A 63 3.62 -3.23 21.28
C GLU A 63 3.23 -4.68 21.04
N THR A 64 4.09 -5.63 21.41
CA THR A 64 3.77 -7.04 21.22
C THR A 64 2.52 -7.45 22.01
N ARG A 65 2.40 -6.97 23.25
CA ARG A 65 1.23 -7.32 24.05
C ARG A 65 -0.06 -6.80 23.39
N LYS A 66 -0.06 -5.54 22.95
CA LYS A 66 -1.26 -4.98 22.33
C LYS A 66 -1.62 -5.74 21.06
N GLN A 67 -0.63 -6.10 20.24
CA GLN A 67 -0.94 -6.79 18.99
C GLN A 67 -1.40 -8.23 19.23
N ARG A 68 -0.87 -8.89 20.25
CA ARG A 68 -1.37 -10.23 20.58
C ARG A 68 -2.84 -10.17 21.01
N ASP A 69 -3.20 -9.17 21.82
CA ASP A 69 -4.59 -9.00 22.23
C ASP A 69 -5.47 -8.73 21.02
N THR A 70 -5.02 -7.80 20.16
CA THR A 70 -5.82 -7.46 18.98
C THR A 70 -6.00 -8.66 18.06
N SER A 71 -4.93 -9.45 17.89
CA SER A 71 -5.03 -10.65 17.07
C SER A 71 -6.11 -11.60 17.60
N GLN A 72 -6.17 -11.79 18.92
CA GLN A 72 -7.19 -12.67 19.47
C GLN A 72 -8.58 -12.05 19.34
N THR A 73 -8.70 -10.75 19.59
CA THR A 73 -10.01 -10.09 19.44
C THR A 73 -10.53 -10.20 18.01
N TYR A 74 -9.65 -10.05 17.02
CA TYR A 74 -10.11 -10.13 15.64
C TYR A 74 -10.46 -11.57 15.23
N ARG A 75 -9.79 -12.57 15.81
CA ARG A 75 -10.16 -13.96 15.50
C ARG A 75 -11.57 -14.27 15.98
N VAL A 76 -11.85 -13.93 17.24
CA VAL A 76 -13.19 -14.09 17.79
C VAL A 76 -14.19 -13.25 16.99
N GLY A 77 -13.77 -12.07 16.55
CA GLY A 77 -14.66 -11.22 15.79
C GLY A 77 -15.09 -11.84 14.47
N LEU A 78 -14.20 -12.56 13.80
CA LEU A 78 -14.58 -13.19 12.54
C LEU A 78 -15.75 -14.15 12.73
N LYS A 79 -15.79 -14.84 13.88
CA LYS A 79 -16.92 -15.73 14.16
C LYS A 79 -18.20 -14.94 14.37
N ASN A 80 -18.14 -13.85 15.14
CA ASN A 80 -19.31 -12.97 15.28
C ASN A 80 -19.81 -12.51 13.92
N LEU A 81 -18.89 -12.04 13.07
CA LEU A 81 -19.27 -11.50 11.77
C LEU A 81 -19.89 -12.57 10.88
N ARG A 82 -19.36 -13.80 10.96
CA ARG A 82 -19.97 -14.89 10.20
C ARG A 82 -21.42 -15.10 10.62
N GLY A 83 -21.70 -14.97 11.91
CA GLY A 83 -23.08 -15.01 12.38
C GLY A 83 -23.92 -13.90 11.79
N TYR A 84 -23.43 -12.65 11.89
CA TYR A 84 -24.23 -11.50 11.46
C TYR A 84 -24.66 -11.61 10.00
N TYR A 85 -23.81 -12.17 9.13
CA TYR A 85 -24.05 -12.15 7.70
C TYR A 85 -24.62 -13.46 7.17
N ASN A 86 -25.05 -14.36 8.05
CA ASN A 86 -25.73 -15.59 7.64
C ASN A 86 -24.83 -16.44 6.75
N GLN A 87 -23.56 -16.55 7.13
CA GLN A 87 -22.55 -17.21 6.31
C GLN A 87 -22.17 -18.57 6.91
N SER A 88 -21.90 -19.53 6.02
CA SER A 88 -21.41 -20.83 6.45
C SER A 88 -19.93 -20.78 6.84
N GLU A 89 -19.46 -21.86 7.43
CA GLU A 89 -18.04 -21.96 7.78
C GLU A 89 -17.18 -22.46 6.64
N ALA A 90 -17.76 -22.69 5.46
CA ALA A 90 -17.00 -23.28 4.36
C ALA A 90 -15.99 -22.30 3.78
N GLY A 91 -16.30 -21.00 3.80
CA GLY A 91 -15.51 -20.01 3.09
C GLY A 91 -14.61 -19.19 3.98
N SER A 92 -13.66 -18.51 3.34
CA SER A 92 -12.80 -17.57 4.02
C SER A 92 -13.38 -16.17 3.91
N HIS A 93 -13.26 -15.40 4.99
CA HIS A 93 -13.74 -14.03 5.04
C HIS A 93 -12.66 -13.16 5.65
N THR A 94 -12.74 -11.85 5.37
CA THR A 94 -11.69 -10.89 5.66
C THR A 94 -12.24 -9.74 6.49
N TYR A 95 -11.60 -9.44 7.62
CA TYR A 95 -11.95 -8.30 8.47
C TYR A 95 -10.76 -7.35 8.49
N GLN A 96 -10.96 -6.10 8.12
CA GLN A 96 -9.87 -5.13 8.08
C GLN A 96 -10.15 -3.90 8.94
N SER A 97 -9.08 -3.29 9.44
CA SER A 97 -9.20 -2.00 10.11
C SER A 97 -8.02 -1.14 9.72
N MET A 98 -8.27 0.17 9.60
CA MET A 98 -7.18 1.12 9.46
C MET A 98 -7.49 2.32 10.34
N TYR A 99 -6.43 2.89 10.92
CA TYR A 99 -6.60 4.06 11.75
C TYR A 99 -5.29 4.83 11.77
N GLY A 100 -5.36 6.09 12.15
CA GLY A 100 -4.15 6.89 12.11
C GLY A 100 -4.44 8.35 12.35
N CYS A 101 -3.37 9.14 12.39
CA CYS A 101 -3.50 10.56 12.69
C CYS A 101 -2.63 11.35 11.73
N TYR A 102 -3.13 12.51 11.31
CA TYR A 102 -2.35 13.49 10.58
C TYR A 102 -1.98 14.63 11.51
N LEU A 103 -0.75 15.10 11.40
CA LEU A 103 -0.20 16.12 12.29
C LEU A 103 -0.38 17.49 11.63
N GLY A 104 -1.12 18.38 12.30
CA GLY A 104 -1.33 19.71 11.78
C GLY A 104 -0.11 20.60 11.98
N PRO A 105 -0.13 21.76 11.30
CA PRO A 105 1.05 22.64 11.35
C PRO A 105 1.32 23.24 12.72
N ASP A 106 0.35 23.19 13.62
CA ASP A 106 0.52 23.67 14.98
C ASP A 106 0.91 22.57 15.96
N GLY A 107 1.11 21.35 15.49
CA GLY A 107 1.47 20.26 16.37
C GLY A 107 0.30 19.51 16.96
N LEU A 108 -0.92 19.87 16.58
CA LEU A 108 -2.14 19.23 17.05
C LEU A 108 -2.65 18.25 16.00
N LEU A 109 -3.57 17.39 16.44
CA LEU A 109 -4.27 16.51 15.51
C LEU A 109 -4.98 17.31 14.43
N LEU A 110 -4.61 17.06 13.16
CA LEU A 110 -5.34 17.69 12.07
C LEU A 110 -6.55 16.86 11.66
N ARG A 111 -6.36 15.55 11.53
CA ARG A 111 -7.45 14.65 11.19
C ARG A 111 -7.11 13.28 11.75
N GLY A 112 -8.02 12.71 12.52
CA GLY A 112 -7.84 11.33 12.97
C GLY A 112 -8.86 10.45 12.27
N TYR A 113 -8.61 9.15 12.16
CA TYR A 113 -9.61 8.29 11.54
C TYR A 113 -9.48 6.89 12.10
N ARG A 114 -10.58 6.16 12.07
CA ARG A 114 -10.63 4.75 12.44
C ARG A 114 -11.81 4.15 11.68
N GLN A 115 -11.55 3.17 10.82
CA GLN A 115 -12.62 2.56 10.06
C GLN A 115 -12.35 1.06 9.90
N TYR A 116 -13.41 0.37 9.51
CA TYR A 116 -13.42 -1.09 9.47
C TYR A 116 -14.12 -1.54 8.20
N ALA A 117 -13.69 -2.68 7.68
CA ALA A 117 -14.35 -3.31 6.54
C ALA A 117 -14.54 -4.80 6.78
N TYR A 118 -15.57 -5.36 6.16
CA TYR A 118 -15.77 -6.80 6.17
C TYR A 118 -15.96 -7.26 4.73
N ASP A 119 -15.20 -8.29 4.36
CA ASP A 119 -15.11 -8.77 2.97
C ASP A 119 -14.95 -7.63 1.97
N GLY A 120 -14.15 -6.63 2.35
CA GLY A 120 -13.76 -5.58 1.44
C GLY A 120 -14.75 -4.45 1.30
N ALA A 121 -15.84 -4.46 2.07
CA ALA A 121 -16.86 -3.42 2.05
C ALA A 121 -16.88 -2.68 3.39
N ASP A 122 -17.06 -1.36 3.32
CA ASP A 122 -17.19 -0.57 4.55
C ASP A 122 -18.16 -1.23 5.51
N TYR A 123 -17.77 -1.30 6.78
CA TYR A 123 -18.57 -1.89 7.84
C TYR A 123 -19.01 -0.85 8.84
N ILE A 124 -18.07 -0.22 9.54
CA ILE A 124 -18.39 0.83 10.48
C ILE A 124 -17.20 1.78 10.51
N ALA A 125 -17.47 3.06 10.77
CA ALA A 125 -16.40 4.04 10.79
C ALA A 125 -16.66 5.07 11.89
N LEU A 126 -15.59 5.52 12.51
CA LEU A 126 -15.67 6.66 13.42
C LEU A 126 -15.90 7.94 12.63
N ASN A 127 -16.86 8.75 13.07
CA ASN A 127 -17.14 9.98 12.34
C ASN A 127 -16.05 11.02 12.59
N GLU A 128 -16.07 12.07 11.78
CA GLU A 128 -15.05 13.11 11.85
C GLU A 128 -14.96 13.74 13.23
N ASP A 129 -16.08 13.79 13.97
CA ASP A 129 -16.08 14.39 15.30
C ASP A 129 -15.40 13.50 16.34
N LEU A 130 -14.97 12.29 15.97
CA LEU A 130 -14.33 11.34 16.87
C LEU A 130 -15.22 10.99 18.06
N ARG A 131 -16.53 11.21 17.94
CA ARG A 131 -17.45 10.98 19.05
C ARG A 131 -18.56 9.99 18.72
N SER A 132 -18.78 9.68 17.45
CA SER A 132 -19.91 8.85 17.05
C SER A 132 -19.50 7.94 15.92
N TRP A 133 -20.31 6.92 15.68
CA TRP A 133 -20.06 5.91 14.66
C TRP A 133 -21.08 6.02 13.54
N THR A 134 -20.66 5.67 12.33
CA THR A 134 -21.60 5.41 11.25
C THR A 134 -21.49 3.96 10.82
N ALA A 135 -22.62 3.24 10.89
CA ALA A 135 -22.70 1.83 10.54
C ALA A 135 -23.33 1.63 9.17
N ALA A 136 -22.79 0.68 8.40
CA ALA A 136 -23.14 0.56 6.99
C ALA A 136 -24.37 -0.30 6.74
N ASP A 137 -24.69 -1.25 7.62
CA ASP A 137 -25.84 -2.12 7.39
C ASP A 137 -26.36 -2.59 8.73
N THR A 138 -27.29 -3.55 8.70
CA THR A 138 -27.93 -3.95 9.95
C THR A 138 -26.98 -4.73 10.85
N ALA A 139 -26.08 -5.51 10.25
CA ALA A 139 -25.05 -6.20 11.04
C ALA A 139 -24.17 -5.20 11.79
N ALA A 140 -23.78 -4.11 11.11
CA ALA A 140 -22.90 -3.12 11.74
C ALA A 140 -23.59 -2.36 12.86
N GLN A 141 -24.93 -2.25 12.83
CA GLN A 141 -25.65 -1.63 13.93
C GLN A 141 -25.55 -2.43 15.22
N ILE A 142 -25.42 -3.75 15.13
CA ILE A 142 -25.14 -4.54 16.33
C ILE A 142 -23.85 -4.08 16.99
N THR A 143 -22.77 -4.04 16.21
CA THR A 143 -21.49 -3.57 16.73
C THR A 143 -21.60 -2.15 17.26
N LYS A 144 -22.27 -1.27 16.50
CA LYS A 144 -22.39 0.13 16.90
C LYS A 144 -23.05 0.25 18.27
N ARG A 145 -24.13 -0.51 18.51
CA ARG A 145 -24.76 -0.41 19.82
C ARG A 145 -23.84 -0.90 20.94
N LYS A 146 -23.12 -1.99 20.69
CA LYS A 146 -22.19 -2.51 21.68
C LYS A 146 -21.08 -1.49 21.98
N TRP A 147 -20.58 -0.81 20.93
CA TRP A 147 -19.49 0.14 21.13
C TRP A 147 -19.97 1.43 21.75
N GLU A 148 -21.21 1.84 21.47
CA GLU A 148 -21.77 2.97 22.19
C GLU A 148 -21.97 2.62 23.67
N THR A 149 -22.50 1.44 23.96
CA THR A 149 -22.71 1.06 25.35
C THR A 149 -21.40 1.11 26.14
N ALA A 150 -20.28 0.75 25.49
CA ALA A 150 -18.99 0.67 26.17
C ALA A 150 -18.16 1.96 26.08
N ASN A 151 -18.70 3.03 25.49
CA ASN A 151 -18.01 4.32 25.37
C ASN A 151 -16.65 4.18 24.66
N VAL A 152 -16.64 3.36 23.61
CA VAL A 152 -15.40 3.11 22.88
C VAL A 152 -14.90 4.37 22.17
N ALA A 153 -15.83 5.15 21.59
CA ALA A 153 -15.42 6.32 20.81
C ALA A 153 -14.56 7.27 21.63
N GLU A 154 -14.92 7.49 22.89
CA GLU A 154 -14.14 8.40 23.73
C GLU A 154 -12.71 7.92 23.88
N ARG A 155 -12.52 6.60 23.99
CA ARG A 155 -11.16 6.05 24.13
C ARG A 155 -10.38 6.17 22.83
N ARG A 156 -11.05 5.98 21.69
CA ARG A 156 -10.39 6.19 20.40
C ARG A 156 -9.94 7.64 20.24
N ARG A 157 -10.84 8.57 20.57
CA ARG A 157 -10.51 9.99 20.46
C ARG A 157 -9.31 10.36 21.32
N SER A 158 -9.23 9.83 22.54
CA SER A 158 -8.07 10.12 23.39
C SER A 158 -6.78 9.59 22.77
N TYR A 159 -6.85 8.40 22.18
CA TYR A 159 -5.69 7.85 21.49
C TYR A 159 -5.28 8.75 20.30
N LEU A 160 -6.25 9.07 19.44
CA LEU A 160 -5.93 9.80 18.20
C LEU A 160 -5.41 11.20 18.49
N GLN A 161 -6.00 11.88 19.47
CA GLN A 161 -5.54 13.23 19.79
C GLN A 161 -4.30 13.23 20.66
N GLY A 162 -4.02 12.13 21.36
CA GLY A 162 -2.92 12.12 22.30
C GLY A 162 -1.76 11.28 21.84
N LEU A 163 -1.74 10.01 22.25
CA LEU A 163 -0.59 9.15 22.01
C LEU A 163 -0.27 9.03 20.51
N CYS A 164 -1.29 9.00 19.65
CA CYS A 164 -1.00 8.84 18.22
C CYS A 164 -0.16 10.01 17.72
N VAL A 165 -0.58 11.23 18.04
CA VAL A 165 0.12 12.43 17.62
C VAL A 165 1.49 12.49 18.28
N GLU A 166 1.54 12.21 19.59
CA GLU A 166 2.81 12.31 20.31
C GLU A 166 3.85 11.34 19.74
N SER A 167 3.42 10.13 19.43
CA SER A 167 4.37 9.13 18.92
C SER A 167 4.81 9.51 17.51
N LEU A 168 3.89 10.03 16.71
CA LEU A 168 4.25 10.50 15.37
C LEU A 168 5.38 11.52 15.42
N ARG A 169 5.25 12.50 16.32
CA ARG A 169 6.29 13.52 16.42
C ARG A 169 7.62 12.90 16.82
N GLU A 170 7.57 11.90 17.71
CA GLU A 170 8.79 11.23 18.15
C GLU A 170 9.42 10.46 17.00
N TYR A 171 8.60 9.67 16.29
CA TYR A 171 9.12 8.96 15.14
C TYR A 171 9.73 9.92 14.13
N LEU A 172 9.10 11.09 13.93
CA LEU A 172 9.59 12.00 12.90
C LEU A 172 10.96 12.54 13.28
N GLU A 173 11.19 12.72 14.57
CA GLU A 173 12.52 13.10 15.05
C GLU A 173 13.52 11.95 14.87
N MET A 174 13.12 10.74 15.28
CA MET A 174 14.01 9.59 15.22
C MET A 174 14.51 9.32 13.82
N GLY A 175 13.63 9.39 12.82
CA GLY A 175 14.02 9.14 11.45
C GLY A 175 14.06 10.39 10.60
N LYS A 176 14.41 11.53 11.21
CA LYS A 176 14.28 12.78 10.47
C LYS A 176 15.18 12.81 9.25
N ASP A 177 16.31 12.11 9.28
CA ASP A 177 17.23 12.11 8.16
C ASP A 177 16.59 11.48 6.91
N THR A 178 15.64 10.57 7.08
CA THR A 178 14.95 9.97 5.95
C THR A 178 13.48 10.36 5.84
N LEU A 179 12.75 10.46 6.96
CA LEU A 179 11.32 10.75 6.87
C LEU A 179 11.07 12.21 6.51
N GLN A 180 12.01 13.11 6.80
CA GLN A 180 11.77 14.53 6.61
C GLN A 180 12.59 15.10 5.45
N ARG A 181 13.03 14.25 4.54
CA ARG A 181 13.74 14.71 3.35
C ARG A 181 12.98 14.23 2.12
N ALA A 182 12.60 15.17 1.26
CA ALA A 182 11.93 14.84 0.01
C ALA A 182 12.98 14.54 -1.04
N GLU A 183 12.77 13.44 -1.77
CA GLU A 183 13.64 13.07 -2.88
C GLU A 183 12.91 13.36 -4.17
N PRO A 184 13.41 14.26 -5.01
CA PRO A 184 12.72 14.58 -6.25
C PRO A 184 12.82 13.44 -7.24
N PRO A 185 11.90 13.36 -8.20
CA PRO A 185 12.00 12.32 -9.23
C PRO A 185 13.07 12.64 -10.26
N LYS A 186 13.79 11.59 -10.68
CA LYS A 186 14.57 11.65 -11.92
C LYS A 186 13.64 11.35 -13.09
N THR A 187 13.64 12.21 -14.10
CA THR A 187 12.60 12.11 -15.13
C THR A 187 13.19 12.00 -16.52
N HIS A 188 12.45 11.34 -17.41
CA HIS A 188 12.83 11.29 -18.81
C HIS A 188 11.65 10.81 -19.64
N VAL A 189 11.73 11.04 -20.94
CA VAL A 189 10.70 10.64 -21.90
C VAL A 189 11.31 9.62 -22.85
N THR A 190 10.59 8.52 -23.07
CA THR A 190 10.99 7.51 -24.03
C THR A 190 9.93 7.42 -25.12
N ARG A 191 10.30 6.82 -26.25
CA ARG A 191 9.37 6.64 -27.35
C ARG A 191 9.39 5.17 -27.77
N HIS A 192 8.21 4.66 -28.10
CA HIS A 192 8.03 3.25 -28.40
C HIS A 192 7.02 3.09 -29.51
N PRO A 193 7.08 2.00 -30.26
CA PRO A 193 6.03 1.71 -31.24
C PRO A 193 4.69 1.44 -30.55
N SER A 194 3.61 1.78 -31.25
CA SER A 194 2.26 1.51 -30.77
C SER A 194 1.46 0.69 -31.77
N SER A 195 0.91 1.37 -32.77
CA SER A 195 0.18 0.72 -33.86
C SER A 195 0.13 1.70 -35.03
N ASP A 196 -0.84 1.52 -35.94
CA ASP A 196 -0.95 2.39 -37.10
C ASP A 196 -1.22 3.84 -36.70
N LEU A 197 -1.88 4.04 -35.56
CA LEU A 197 -2.36 5.37 -35.21
C LEU A 197 -1.28 6.28 -34.64
N GLY A 198 -0.14 5.74 -34.24
CA GLY A 198 0.98 6.60 -33.91
C GLY A 198 2.02 5.88 -33.04
N VAL A 199 2.85 6.70 -32.41
CA VAL A 199 3.94 6.25 -31.55
C VAL A 199 3.55 6.54 -30.12
N THR A 200 4.14 5.79 -29.19
CA THR A 200 3.89 6.00 -27.77
C THR A 200 4.99 6.87 -27.19
N LEU A 201 4.63 7.88 -26.42
CA LEU A 201 5.59 8.62 -25.61
C LEU A 201 5.32 8.27 -24.16
N ARG A 202 6.38 7.96 -23.41
CA ARG A 202 6.24 7.53 -22.02
C ARG A 202 7.10 8.44 -21.17
N CYS A 203 6.45 9.12 -20.24
CA CYS A 203 7.11 10.05 -19.34
C CYS A 203 7.33 9.34 -18.01
N TRP A 204 8.57 9.31 -17.53
CA TRP A 204 8.94 8.52 -16.37
C TRP A 204 9.30 9.44 -15.22
N ALA A 205 8.94 9.03 -14.00
CA ALA A 205 9.40 9.68 -12.77
C ALA A 205 9.93 8.60 -11.86
N LEU A 206 11.21 8.69 -11.49
CA LEU A 206 11.90 7.58 -10.86
C LEU A 206 12.54 7.99 -9.55
N GLY A 207 12.42 7.14 -8.53
CA GLY A 207 13.16 7.30 -7.30
C GLY A 207 12.73 8.45 -6.40
N PHE A 208 11.46 8.78 -6.38
CA PHE A 208 11.01 9.93 -5.60
C PHE A 208 10.40 9.50 -4.27
N TYR A 209 10.32 10.46 -3.35
CA TYR A 209 9.72 10.29 -2.03
C TYR A 209 9.32 11.67 -1.51
N PRO A 210 8.12 11.84 -0.95
CA PRO A 210 7.11 10.80 -0.72
C PRO A 210 6.33 10.43 -1.97
N LYS A 211 5.26 9.65 -1.78
CA LYS A 211 4.63 8.94 -2.88
C LYS A 211 3.77 9.86 -3.75
N GLU A 212 3.21 10.93 -3.17
CA GLU A 212 2.30 11.80 -3.92
C GLU A 212 3.03 12.51 -5.06
N ILE A 213 2.43 12.46 -6.25
CA ILE A 213 3.04 13.02 -7.46
C ILE A 213 1.95 13.25 -8.48
N SER A 214 2.19 14.18 -9.39
CA SER A 214 1.28 14.41 -10.52
C SER A 214 2.08 14.34 -11.81
N LEU A 215 1.66 13.46 -12.71
CA LEU A 215 2.20 13.36 -14.07
C LEU A 215 1.08 13.68 -15.03
N THR A 216 1.29 14.67 -15.90
CA THR A 216 0.26 15.07 -16.86
C THR A 216 0.91 15.29 -18.22
N TRP A 217 0.18 14.94 -19.28
CA TRP A 217 0.57 15.23 -20.65
C TRP A 217 -0.26 16.39 -21.18
N GLN A 218 0.37 17.25 -21.99
CA GLN A 218 -0.30 18.41 -22.55
C GLN A 218 0.04 18.52 -24.02
N ARG A 219 -0.93 18.99 -24.82
CA ARG A 219 -0.65 19.41 -26.19
C ARG A 219 -1.08 20.86 -26.34
N GLU A 220 -0.09 21.75 -26.53
CA GLU A 220 -0.32 23.17 -26.80
C GLU A 220 -1.28 23.77 -25.78
N GLY A 221 -0.96 23.55 -24.50
CA GLY A 221 -1.74 24.12 -23.40
C GLY A 221 -3.09 23.49 -23.17
N GLN A 222 -3.17 22.16 -23.24
CA GLN A 222 -4.44 21.46 -23.05
C GLN A 222 -4.17 20.04 -22.57
N ASP A 223 -4.86 19.63 -21.51
CA ASP A 223 -4.60 18.35 -20.87
C ASP A 223 -4.96 17.17 -21.77
N GLN A 224 -4.23 16.06 -21.57
CA GLN A 224 -4.39 14.85 -22.37
C GLN A 224 -4.69 13.62 -21.51
N SER A 225 -5.19 13.81 -20.28
CA SER A 225 -5.64 12.66 -19.50
C SER A 225 -6.69 11.86 -20.24
N GLN A 226 -7.32 12.47 -21.25
CA GLN A 226 -8.27 11.83 -22.15
C GLN A 226 -7.79 10.45 -22.61
N ASP A 227 -6.63 10.40 -23.25
CA ASP A 227 -6.17 9.20 -23.92
C ASP A 227 -4.94 8.58 -23.29
N MET A 228 -4.55 8.99 -22.09
CA MET A 228 -3.26 8.59 -21.56
C MET A 228 -3.38 7.43 -20.59
N GLU A 229 -2.36 6.57 -20.59
CA GLU A 229 -2.28 5.48 -19.64
C GLU A 229 -1.38 5.91 -18.48
N LEU A 230 -1.93 5.89 -17.27
CA LEU A 230 -1.24 6.32 -16.06
C LEU A 230 -1.14 5.14 -15.12
N VAL A 231 0.08 4.62 -14.86
CA VAL A 231 0.17 3.44 -14.02
C VAL A 231 0.12 3.83 -12.55
N GLU A 232 -0.26 2.86 -11.73
CA GLU A 232 -0.22 3.06 -10.30
C GLU A 232 1.20 3.32 -9.83
N THR A 233 1.35 4.29 -8.93
CA THR A 233 2.64 4.54 -8.32
C THR A 233 3.15 3.27 -7.64
N ARG A 234 4.40 2.91 -7.94
CA ARG A 234 4.90 1.62 -7.47
C ARG A 234 6.20 1.81 -6.71
N PRO A 235 6.50 0.91 -5.76
CA PRO A 235 7.73 1.05 -4.97
C PRO A 235 8.95 0.63 -5.77
N SER A 236 10.03 1.40 -5.61
CA SER A 236 11.32 1.03 -6.20
C SER A 236 11.93 -0.17 -5.50
N GLY A 237 11.57 -0.38 -4.23
CA GLY A 237 12.18 -1.41 -3.41
C GLY A 237 13.16 -0.88 -2.39
N ASP A 238 13.59 0.37 -2.53
CA ASP A 238 14.52 1.00 -1.59
C ASP A 238 13.84 2.09 -0.77
N GLY A 239 12.51 2.10 -0.73
CA GLY A 239 11.76 3.10 0.01
C GLY A 239 11.31 4.28 -0.83
N THR A 240 11.78 4.40 -2.08
CA THR A 240 11.29 5.42 -2.99
C THR A 240 10.28 4.81 -3.94
N PHE A 241 9.83 5.60 -4.92
CA PHE A 241 8.69 5.22 -5.74
C PHE A 241 8.97 5.55 -7.20
N GLN A 242 8.14 4.97 -8.07
CA GLN A 242 8.20 5.18 -9.52
C GLN A 242 6.80 5.38 -10.07
N LYS A 243 6.72 6.07 -11.21
CA LYS A 243 5.45 6.21 -11.91
C LYS A 243 5.74 6.62 -13.35
N TRP A 244 4.84 6.22 -14.26
CA TRP A 244 4.93 6.75 -15.62
C TRP A 244 3.56 7.02 -16.20
N ALA A 245 3.55 7.85 -17.25
CA ALA A 245 2.36 8.19 -17.99
C ALA A 245 2.68 8.10 -19.47
N ALA A 246 1.80 7.47 -20.24
CA ALA A 246 2.07 7.28 -21.66
C ALA A 246 0.86 7.67 -22.50
N LEU A 247 1.15 8.04 -23.76
CA LEU A 247 0.19 8.64 -24.67
C LEU A 247 0.62 8.28 -26.09
N VAL A 248 -0.33 7.86 -26.93
CA VAL A 248 -0.04 7.62 -28.34
C VAL A 248 -0.22 8.92 -29.09
N VAL A 249 0.78 9.29 -29.88
CA VAL A 249 0.75 10.57 -30.61
C VAL A 249 1.00 10.31 -32.09
N PRO A 250 0.58 11.24 -32.95
CA PRO A 250 0.84 11.10 -34.40
C PRO A 250 2.32 11.11 -34.70
N PRO A 251 2.78 10.26 -35.60
CA PRO A 251 4.20 10.28 -35.98
C PRO A 251 4.62 11.67 -36.46
N GLY A 252 5.83 12.06 -36.09
CA GLY A 252 6.36 13.37 -36.44
C GLY A 252 5.87 14.52 -35.59
N GLU A 253 4.90 14.29 -34.70
CA GLU A 253 4.32 15.35 -33.88
C GLU A 253 4.72 15.25 -32.41
N GLU A 254 5.81 14.53 -32.12
CA GLU A 254 6.23 14.32 -30.73
C GLU A 254 6.50 15.64 -30.00
N GLN A 255 7.11 16.61 -30.69
CA GLN A 255 7.51 17.85 -30.01
C GLN A 255 6.33 18.74 -29.64
N SER A 256 5.11 18.43 -30.10
CA SER A 256 3.96 19.23 -29.70
C SER A 256 3.44 18.85 -28.33
N TYR A 257 3.99 17.80 -27.71
CA TYR A 257 3.52 17.29 -26.44
C TYR A 257 4.57 17.52 -25.36
N THR A 258 4.13 17.93 -24.19
CA THR A 258 5.03 18.08 -23.05
C THR A 258 4.48 17.31 -21.87
N CYS A 259 5.39 16.70 -21.11
CA CYS A 259 5.03 16.04 -19.86
C CYS A 259 5.37 17.00 -18.72
N HIS A 260 4.48 17.06 -17.73
CA HIS A 260 4.60 17.98 -16.61
C HIS A 260 4.55 17.19 -15.31
N VAL A 261 5.51 17.42 -14.44
CA VAL A 261 5.71 16.61 -13.24
C VAL A 261 5.74 17.53 -12.04
N GLN A 262 4.77 17.38 -11.15
CA GLN A 262 4.71 18.11 -9.89
C GLN A 262 5.03 17.16 -8.74
N HIS A 263 6.01 17.52 -7.92
CA HIS A 263 6.39 16.72 -6.74
C HIS A 263 6.94 17.67 -5.70
N GLU A 264 6.70 17.36 -4.42
CA GLU A 264 7.12 18.30 -3.39
C GLU A 264 8.62 18.41 -3.23
N GLY A 265 9.40 17.49 -3.82
CA GLY A 265 10.85 17.63 -3.88
C GLY A 265 11.34 18.59 -4.93
N LEU A 266 10.45 19.15 -5.75
CA LEU A 266 10.81 20.09 -6.81
C LEU A 266 10.40 21.50 -6.41
N GLN A 267 11.25 22.48 -6.75
CA GLN A 267 10.89 23.87 -6.48
C GLN A 267 9.77 24.34 -7.40
N GLU A 268 9.76 23.86 -8.63
CA GLU A 268 8.76 24.13 -9.65
C GLU A 268 8.49 22.84 -10.41
N PRO A 269 7.30 22.69 -10.98
CA PRO A 269 7.02 21.52 -11.84
C PRO A 269 8.05 21.39 -12.95
N LEU A 270 8.47 20.16 -13.22
CA LEU A 270 9.32 19.89 -14.36
C LEU A 270 8.50 19.84 -15.64
N THR A 271 9.03 20.44 -16.70
CA THR A 271 8.48 20.30 -18.04
C THR A 271 9.50 19.56 -18.88
N LEU A 272 9.08 18.49 -19.54
CA LEU A 272 9.99 17.79 -20.43
C LEU A 272 9.22 17.28 -21.64
N ARG A 273 9.97 16.91 -22.66
CA ARG A 273 9.40 16.49 -23.93
C ARG A 273 10.40 15.58 -24.60
N TRP A 274 9.93 14.84 -25.59
CA TRP A 274 10.80 13.97 -26.36
C TRP A 274 11.83 14.81 -27.11
N ASP A 275 13.09 14.41 -26.97
CA ASP A 275 14.21 15.09 -27.62
C ASP A 275 14.07 15.09 -29.14
N VAL B 3 -18.13 -8.02 -4.63
CA VAL B 3 -17.46 -8.64 -5.77
C VAL B 3 -15.94 -8.62 -5.55
N ALA B 4 -15.26 -9.73 -5.81
CA ALA B 4 -13.82 -9.77 -5.67
C ALA B 4 -13.16 -8.85 -6.69
N ARG B 5 -11.98 -8.34 -6.34
CA ARG B 5 -11.31 -7.41 -7.23
C ARG B 5 -10.03 -8.03 -7.74
N PRO B 6 -9.79 -7.96 -9.05
CA PRO B 6 -8.66 -8.66 -9.63
C PRO B 6 -7.39 -7.85 -9.53
N PRO B 7 -6.25 -8.52 -9.54
CA PRO B 7 -4.97 -7.83 -9.33
C PRO B 7 -4.50 -7.08 -10.57
N LYS B 8 -3.94 -5.90 -10.34
CA LYS B 8 -3.15 -5.20 -11.34
C LYS B 8 -1.68 -5.51 -11.10
N VAL B 9 -0.96 -5.89 -12.16
CA VAL B 9 0.39 -6.45 -12.03
C VAL B 9 1.37 -5.62 -12.85
N GLN B 10 2.45 -5.16 -12.21
CA GLN B 10 3.54 -4.47 -12.90
C GLN B 10 4.86 -5.17 -12.63
N VAL B 11 5.64 -5.41 -13.68
CA VAL B 11 6.97 -6.01 -13.58
C VAL B 11 8.00 -5.02 -14.11
N TYR B 12 9.02 -4.72 -13.31
CA TYR B 12 9.91 -3.62 -13.63
C TYR B 12 11.19 -3.73 -12.80
N SER B 13 12.21 -3.00 -13.22
CA SER B 13 13.47 -3.02 -12.48
C SER B 13 13.59 -1.76 -11.63
N ARG B 14 14.32 -1.89 -10.52
CA ARG B 14 14.54 -0.73 -9.66
C ARG B 14 15.24 0.39 -10.42
N HIS B 15 16.27 0.06 -11.18
CA HIS B 15 16.97 1.04 -12.00
C HIS B 15 16.84 0.69 -13.47
N PRO B 16 16.93 1.67 -14.37
CA PRO B 16 16.96 1.36 -15.79
C PRO B 16 17.97 0.27 -16.08
N ALA B 17 17.56 -0.71 -16.87
CA ALA B 17 18.33 -1.93 -17.02
C ALA B 17 19.54 -1.69 -17.91
N GLU B 18 20.68 -2.25 -17.51
CA GLU B 18 21.89 -2.30 -18.32
C GLU B 18 22.41 -3.73 -18.27
N ASN B 19 22.54 -4.36 -19.43
CA ASN B 19 23.01 -5.74 -19.48
C ASN B 19 24.35 -5.89 -18.78
N GLY B 20 24.43 -6.88 -17.89
CA GLY B 20 25.63 -7.13 -17.12
C GLY B 20 25.76 -6.35 -15.83
N LYS B 21 24.80 -5.43 -15.53
CA LYS B 21 24.88 -4.59 -14.33
C LYS B 21 23.91 -5.08 -13.26
N PRO B 22 24.39 -5.28 -12.03
CA PRO B 22 23.48 -5.74 -10.97
C PRO B 22 22.33 -4.75 -10.78
N ASN B 23 21.15 -5.30 -10.52
CA ASN B 23 19.90 -4.55 -10.47
C ASN B 23 18.94 -5.28 -9.52
N TYR B 24 17.70 -4.82 -9.49
CA TYR B 24 16.65 -5.46 -8.70
C TYR B 24 15.42 -5.63 -9.56
N LEU B 25 14.80 -6.80 -9.51
CA LEU B 25 13.59 -7.10 -10.28
C LEU B 25 12.39 -7.08 -9.34
N ASN B 26 11.35 -6.34 -9.73
CA ASN B 26 10.17 -6.12 -8.91
C ASN B 26 8.91 -6.60 -9.61
N CYS B 27 8.02 -7.25 -8.85
CA CYS B 27 6.67 -7.55 -9.29
C CYS B 27 5.72 -6.92 -8.27
N TYR B 28 5.07 -5.84 -8.67
CA TYR B 28 4.16 -5.11 -7.79
C TYR B 28 2.74 -5.48 -8.15
N VAL B 29 2.00 -6.05 -7.19
CA VAL B 29 0.64 -6.54 -7.41
C VAL B 29 -0.29 -5.76 -6.48
N SER B 30 -1.28 -5.08 -7.04
CA SER B 30 -2.12 -4.18 -6.24
C SER B 30 -3.58 -4.25 -6.69
N GLY B 31 -4.46 -3.68 -5.87
CA GLY B 31 -5.87 -3.55 -6.20
C GLY B 31 -6.71 -4.78 -6.01
N PHE B 32 -6.20 -5.82 -5.35
CA PHE B 32 -6.92 -7.07 -5.33
C PHE B 32 -7.60 -7.32 -3.99
N HIS B 33 -8.57 -8.23 -4.00
CA HIS B 33 -9.38 -8.62 -2.87
C HIS B 33 -10.14 -9.88 -3.28
N PRO B 34 -10.12 -10.96 -2.48
CA PRO B 34 -9.52 -11.16 -1.16
C PRO B 34 -7.97 -11.25 -1.15
N PRO B 35 -7.35 -11.31 0.05
CA PRO B 35 -5.88 -11.22 0.11
C PRO B 35 -5.12 -12.49 -0.26
N GLN B 36 -5.75 -13.66 -0.26
CA GLN B 36 -5.04 -14.88 -0.64
C GLN B 36 -4.58 -14.79 -2.09
N ILE B 37 -3.29 -14.95 -2.32
CA ILE B 37 -2.74 -14.73 -3.65
C ILE B 37 -1.39 -15.41 -3.74
N GLU B 38 -1.03 -15.83 -4.95
CA GLU B 38 0.26 -16.45 -5.20
C GLU B 38 0.98 -15.61 -6.26
N ILE B 39 2.17 -15.13 -5.91
CA ILE B 39 2.95 -14.26 -6.79
C ILE B 39 4.35 -14.86 -6.90
N ASP B 40 4.76 -15.19 -8.12
CA ASP B 40 6.09 -15.75 -8.35
C ASP B 40 6.80 -14.97 -9.44
N LEU B 41 8.05 -14.56 -9.17
CA LEU B 41 8.93 -14.10 -10.23
C LEU B 41 9.57 -15.31 -10.90
N LEU B 42 9.68 -15.26 -12.22
CA LEU B 42 10.15 -16.39 -13.01
C LEU B 42 11.34 -15.95 -13.85
N LYS B 43 12.36 -16.80 -13.86
CA LYS B 43 13.51 -16.67 -14.74
C LYS B 43 13.42 -17.82 -15.73
N ASN B 44 13.25 -17.48 -17.01
CA ASN B 44 13.12 -18.47 -18.07
C ASN B 44 12.06 -19.52 -17.70
N GLY B 45 11.01 -19.07 -17.02
CA GLY B 45 9.94 -19.95 -16.61
C GLY B 45 10.12 -20.64 -15.27
N GLU B 46 11.32 -20.63 -14.70
CA GLU B 46 11.56 -21.29 -13.42
C GLU B 46 11.38 -20.29 -12.28
N LYS B 47 10.80 -20.75 -11.18
CA LYS B 47 10.47 -19.83 -10.10
C LYS B 47 11.73 -19.35 -9.39
N MET B 48 11.83 -18.02 -9.21
CA MET B 48 12.87 -17.42 -8.38
C MET B 48 12.42 -17.39 -6.93
N ASN B 49 13.38 -17.50 -6.01
CA ASN B 49 13.05 -17.42 -4.58
C ASN B 49 13.12 -15.96 -4.11
N ALA B 50 12.11 -15.19 -4.51
CA ALA B 50 12.11 -13.76 -4.28
C ALA B 50 11.40 -13.39 -2.98
N GLU B 51 11.86 -12.32 -2.34
CA GLU B 51 11.27 -11.84 -1.09
C GLU B 51 9.91 -11.20 -1.33
N GLN B 52 8.98 -11.39 -0.40
CA GLN B 52 7.66 -10.79 -0.50
C GLN B 52 7.42 -9.83 0.66
N SER B 53 6.84 -8.67 0.35
CA SER B 53 6.58 -7.65 1.37
C SER B 53 5.45 -8.06 2.31
N ASP B 54 5.28 -7.27 3.38
CA ASP B 54 4.21 -7.51 4.34
C ASP B 54 2.88 -7.06 3.76
N LEU B 55 1.86 -7.88 3.93
CA LEU B 55 0.52 -7.56 3.40
C LEU B 55 -0.01 -6.25 3.97
N SER B 56 -0.35 -5.31 3.09
CA SER B 56 -0.95 -4.05 3.46
C SER B 56 -2.06 -3.75 2.48
N PHE B 57 -2.75 -2.62 2.67
CA PHE B 57 -3.84 -2.31 1.77
C PHE B 57 -4.01 -0.80 1.66
N SER B 58 -4.81 -0.39 0.67
CA SER B 58 -5.06 1.00 0.33
C SER B 58 -6.36 1.50 0.97
N LYS B 59 -6.62 2.79 0.76
CA LYS B 59 -7.81 3.43 1.33
C LYS B 59 -9.12 2.78 0.87
N ASP B 60 -9.12 2.19 -0.33
CA ASP B 60 -10.32 1.49 -0.81
C ASP B 60 -10.37 0.04 -0.36
N TRP B 61 -9.50 -0.36 0.56
CA TRP B 61 -9.41 -1.67 1.21
C TRP B 61 -8.71 -2.72 0.35
N SER B 62 -8.32 -2.41 -0.88
CA SER B 62 -7.66 -3.41 -1.72
C SER B 62 -6.20 -3.57 -1.33
N PHE B 63 -5.69 -4.80 -1.49
CA PHE B 63 -4.36 -5.16 -0.99
C PHE B 63 -3.27 -4.87 -2.01
N TYR B 64 -2.03 -4.74 -1.50
CA TYR B 64 -0.89 -4.67 -2.37
C TYR B 64 0.27 -5.41 -1.77
N LEU B 65 1.11 -5.94 -2.67
CA LEU B 65 2.27 -6.74 -2.32
C LEU B 65 3.38 -6.47 -3.34
N LEU B 66 4.62 -6.42 -2.85
CA LEU B 66 5.80 -6.33 -3.70
C LEU B 66 6.61 -7.61 -3.53
N VAL B 67 6.94 -8.26 -4.64
CA VAL B 67 7.84 -9.40 -4.67
C VAL B 67 9.07 -8.97 -5.44
N HIS B 68 10.26 -9.28 -4.89
CA HIS B 68 11.45 -8.69 -5.49
C HIS B 68 12.68 -9.52 -5.19
N THR B 69 13.67 -9.41 -6.07
CA THR B 69 14.93 -10.09 -5.85
C THR B 69 16.02 -9.42 -6.68
N GLU B 70 17.26 -9.63 -6.28
CA GLU B 70 18.39 -9.19 -7.08
C GLU B 70 18.45 -9.95 -8.40
N PHE B 71 18.99 -9.30 -9.43
CA PHE B 71 19.25 -9.98 -10.69
C PHE B 71 20.16 -9.12 -11.54
N THR B 72 20.84 -9.75 -12.49
CA THR B 72 21.70 -9.06 -13.45
C THR B 72 21.17 -9.34 -14.85
N PRO B 73 20.45 -8.40 -15.46
CA PRO B 73 19.89 -8.66 -16.79
C PRO B 73 20.98 -8.91 -17.82
N ASN B 74 20.59 -9.59 -18.89
CA ASN B 74 21.45 -9.75 -20.06
C ASN B 74 20.56 -9.89 -21.29
N ALA B 75 21.17 -10.20 -22.43
CA ALA B 75 20.39 -10.31 -23.66
C ALA B 75 19.60 -11.61 -23.75
N VAL B 76 19.94 -12.61 -22.96
CA VAL B 76 19.37 -13.94 -23.11
C VAL B 76 18.19 -14.18 -22.16
N ASP B 77 18.43 -13.99 -20.86
CA ASP B 77 17.48 -14.42 -19.85
C ASP B 77 16.16 -13.65 -19.97
N GLN B 78 15.05 -14.38 -19.88
CA GLN B 78 13.72 -13.81 -19.90
C GLN B 78 13.13 -13.87 -18.50
N TYR B 79 12.46 -12.80 -18.10
CA TYR B 79 11.86 -12.70 -16.77
C TYR B 79 10.38 -12.36 -16.89
N SER B 80 9.59 -12.88 -15.96
CA SER B 80 8.16 -12.60 -15.97
C SER B 80 7.64 -12.72 -14.55
N CYS B 81 6.38 -12.33 -14.36
CA CYS B 81 5.70 -12.48 -13.09
C CYS B 81 4.42 -13.27 -13.28
N ARG B 82 4.17 -14.23 -12.39
CA ARG B 82 3.02 -15.11 -12.49
C ARG B 82 2.18 -14.97 -11.24
N VAL B 83 0.88 -14.72 -11.43
CA VAL B 83 -0.01 -14.40 -10.33
C VAL B 83 -1.26 -15.27 -10.41
N LYS B 84 -1.57 -15.96 -9.32
CA LYS B 84 -2.79 -16.75 -9.19
C LYS B 84 -3.68 -16.12 -8.11
N HIS B 85 -4.94 -15.91 -8.46
CA HIS B 85 -5.92 -15.29 -7.56
C HIS B 85 -7.29 -15.85 -7.90
N VAL B 86 -8.21 -15.83 -6.92
CA VAL B 86 -9.55 -16.39 -7.14
C VAL B 86 -10.25 -15.74 -8.33
N THR B 87 -9.93 -14.47 -8.62
CA THR B 87 -10.51 -13.75 -9.74
C THR B 87 -9.96 -14.16 -11.10
N LEU B 88 -8.91 -14.97 -11.14
CA LEU B 88 -8.25 -15.32 -12.38
C LEU B 88 -8.51 -16.79 -12.67
N ASP B 89 -9.11 -17.07 -13.84
CA ASP B 89 -9.42 -18.44 -14.23
C ASP B 89 -8.20 -19.16 -14.79
N LYS B 90 -7.22 -18.42 -15.30
CA LYS B 90 -5.90 -18.87 -15.69
C LYS B 90 -4.88 -17.98 -14.97
N PRO B 91 -3.71 -18.52 -14.59
CA PRO B 91 -2.66 -17.64 -14.05
C PRO B 91 -2.40 -16.45 -14.95
N LYS B 92 -2.26 -15.28 -14.34
CA LYS B 92 -1.91 -14.06 -15.06
C LYS B 92 -0.39 -13.97 -15.17
N ILE B 93 0.13 -13.91 -16.40
CA ILE B 93 1.57 -13.81 -16.65
C ILE B 93 1.87 -12.46 -17.30
N VAL B 94 2.80 -11.71 -16.71
CA VAL B 94 3.25 -10.43 -17.26
C VAL B 94 4.75 -10.53 -17.51
N LYS B 95 5.17 -10.26 -18.74
CA LYS B 95 6.59 -10.38 -19.08
C LYS B 95 7.32 -9.09 -18.71
N TRP B 96 8.57 -9.23 -18.30
CA TRP B 96 9.42 -8.06 -18.09
C TRP B 96 9.99 -7.61 -19.44
N ASP B 97 9.71 -6.36 -19.79
CA ASP B 97 10.50 -5.66 -20.80
C ASP B 97 10.98 -4.36 -20.20
N ARG B 98 12.07 -3.85 -20.71
CA ARG B 98 12.65 -2.65 -20.12
C ARG B 98 11.94 -1.38 -20.54
N ASP B 99 10.80 -1.49 -21.20
CA ASP B 99 10.05 -0.32 -21.63
C ASP B 99 8.90 0.03 -20.70
N HIS B 100 8.65 -0.77 -19.67
CA HIS B 100 7.51 -0.55 -18.77
C HIS B 100 7.92 -0.59 -17.29
N TYR C 1 3.16 4.25 18.16
CA TYR C 1 2.54 3.35 19.14
C TYR C 1 1.13 2.99 18.71
N SER C 2 0.84 1.70 18.65
CA SER C 2 -0.47 1.29 18.17
C SER C 2 -1.52 1.50 19.25
N SER C 3 -2.79 1.46 18.82
CA SER C 3 -3.87 1.68 19.78
C SER C 3 -4.01 0.48 20.71
N ASP C 4 -4.21 0.79 21.99
CA ASP C 4 -4.52 -0.17 23.04
C ASP C 4 -6.00 -0.50 23.07
N VAL C 5 -6.83 0.39 22.54
CA VAL C 5 -8.27 0.17 22.43
C VAL C 5 -8.49 -0.93 21.40
N THR C 6 -8.90 -2.11 21.86
CA THR C 6 -9.30 -3.19 20.98
C THR C 6 -10.62 -3.71 21.50
N THR C 7 -11.67 -3.58 20.70
CA THR C 7 -13.00 -3.98 21.13
C THR C 7 -13.56 -5.01 20.16
N LEU C 8 -14.15 -6.04 20.74
CA LEU C 8 -14.80 -7.08 19.98
C LEU C 8 -15.92 -6.52 19.11
N VAL C 9 -15.98 -6.99 17.87
CA VAL C 9 -17.03 -6.61 16.94
C VAL C 9 -18.37 -7.20 17.39
#